data_3R5Y
#
_entry.id   3R5Y
#
_cell.length_a   71.956
_cell.length_b   71.956
_cell.length_c   115.469
_cell.angle_alpha   90.000
_cell.angle_beta   90.000
_cell.angle_gamma   90.000
#
_symmetry.space_group_name_H-M   'P 43'
#
loop_
_entity.id
_entity.type
_entity.pdbx_description
1 polymer 'Putative uncharacterized protein'
2 non-polymer 'COENZYME F420'
3 water water
#
_entity_poly.entity_id   1
_entity_poly.type   'polypeptide(L)'
_entity_poly.pdbx_seq_one_letter_code
;GMRMSSTGEYVPSPSEWIGNQVAQYEASDGAEAGEFDGRPLVILTTVGRKTGALRKTPVMRVEHDGRYAVVASQGGAPTH
PAWYFNLVADPRAQLRDKDAVLSVVARELAGPERAEWWERAVRAYPTYQEYQDNTRRLIPVLLLEPG
;
_entity_poly.pdbx_strand_id   A,B,C,D
#
loop_
_chem_comp.id
_chem_comp.type
_chem_comp.name
_chem_comp.formula
F42 non-polymer 'COENZYME F420' 'C29 H36 N5 O18 P'
#
# COMPACT_ATOMS: atom_id res chain seq x y z
N THR A 7 -29.16 -9.99 -27.01
CA THR A 7 -28.84 -10.40 -25.64
C THR A 7 -28.29 -11.81 -25.61
N GLY A 8 -27.01 -11.93 -25.26
CA GLY A 8 -26.35 -13.22 -25.28
C GLY A 8 -26.02 -13.67 -26.70
N GLU A 9 -26.37 -12.84 -27.68
CA GLU A 9 -26.02 -13.11 -29.08
C GLU A 9 -24.75 -12.34 -29.46
N TYR A 10 -23.82 -13.02 -30.13
CA TYR A 10 -22.63 -12.34 -30.66
C TYR A 10 -22.96 -11.41 -31.82
N VAL A 11 -22.59 -10.13 -31.69
CA VAL A 11 -22.71 -9.14 -32.77
C VAL A 11 -21.32 -8.63 -33.12
N PRO A 12 -20.80 -8.99 -34.30
CA PRO A 12 -19.41 -8.66 -34.62
C PRO A 12 -19.16 -7.16 -34.70
N SER A 13 -17.89 -6.79 -34.52
CA SER A 13 -17.43 -5.43 -34.78
C SER A 13 -17.88 -4.94 -36.15
N PRO A 14 -18.25 -3.66 -36.24
CA PRO A 14 -18.61 -3.07 -37.54
C PRO A 14 -17.40 -3.02 -38.48
N SER A 15 -16.19 -3.07 -37.94
CA SER A 15 -15.00 -3.20 -38.78
C SER A 15 -14.93 -4.60 -39.37
N GLU A 16 -15.11 -4.71 -40.69
CA GLU A 16 -15.06 -5.99 -41.37
C GLU A 16 -13.75 -6.73 -41.07
N TRP A 17 -12.65 -5.98 -40.99
CA TRP A 17 -11.37 -6.63 -40.79
C TRP A 17 -11.28 -7.26 -39.40
N ILE A 18 -11.77 -6.56 -38.38
CA ILE A 18 -11.78 -7.09 -37.01
C ILE A 18 -12.73 -8.29 -36.93
N GLY A 19 -13.94 -8.13 -37.45
CA GLY A 19 -14.89 -9.24 -37.49
C GLY A 19 -14.31 -10.47 -38.16
N ASN A 20 -13.61 -10.24 -39.26
CA ASN A 20 -13.01 -11.32 -40.02
C ASN A 20 -11.87 -12.03 -39.25
N GLN A 21 -11.06 -11.25 -38.56
CA GLN A 21 -10.00 -11.81 -37.71
C GLN A 21 -10.55 -12.64 -36.55
N VAL A 22 -11.63 -12.16 -35.91
CA VAL A 22 -12.26 -12.95 -34.86
C VAL A 22 -12.76 -14.27 -35.44
N ALA A 23 -13.40 -14.19 -36.61
CA ALA A 23 -13.99 -15.35 -37.24
C ALA A 23 -12.93 -16.41 -37.57
N GLN A 24 -11.83 -15.99 -38.19
CA GLN A 24 -10.82 -16.97 -38.61
C GLN A 24 -10.17 -17.59 -37.39
N TYR A 25 -9.89 -16.77 -36.38
CA TYR A 25 -9.29 -17.28 -35.14
C TYR A 25 -10.17 -18.38 -34.51
N GLU A 26 -11.45 -18.07 -34.28
CA GLU A 26 -12.37 -19.05 -33.66
C GLU A 26 -12.55 -20.31 -34.51
N ALA A 27 -12.57 -20.16 -35.82
CA ALA A 27 -12.81 -21.32 -36.70
C ALA A 27 -11.63 -22.29 -36.65
N SER A 28 -10.47 -21.79 -36.23
CA SER A 28 -9.23 -22.54 -36.32
C SER A 28 -8.51 -22.73 -34.99
N ASP A 29 -9.14 -22.38 -33.87
CA ASP A 29 -8.44 -22.39 -32.58
C ASP A 29 -7.13 -21.60 -32.64
N GLY A 30 -7.15 -20.47 -33.34
CA GLY A 30 -6.01 -19.58 -33.42
C GLY A 30 -4.89 -19.96 -34.38
N ALA A 31 -5.06 -21.03 -35.14
CA ALA A 31 -4.06 -21.40 -36.13
C ALA A 31 -4.07 -20.41 -37.29
N GLU A 32 -5.22 -19.78 -37.51
CA GLU A 32 -5.33 -18.71 -38.49
C GLU A 32 -5.62 -17.42 -37.75
N ALA A 33 -5.07 -16.30 -38.23
CA ALA A 33 -5.36 -14.99 -37.64
C ALA A 33 -4.91 -14.93 -36.18
N GLY A 34 -3.90 -15.72 -35.86
CA GLY A 34 -3.49 -15.92 -34.47
C GLY A 34 -2.40 -14.98 -33.99
N GLU A 35 -1.92 -14.12 -34.86
CA GLU A 35 -0.83 -13.23 -34.52
C GLU A 35 -0.99 -11.86 -35.15
N PHE A 36 -0.42 -10.86 -34.50
CA PHE A 36 -0.30 -9.53 -35.11
C PHE A 36 1.09 -9.01 -34.82
N ASP A 37 1.78 -8.50 -35.83
CA ASP A 37 3.16 -8.01 -35.62
C ASP A 37 4.04 -9.16 -35.12
N GLY A 38 3.80 -10.36 -35.66
CA GLY A 38 4.53 -11.56 -35.29
C GLY A 38 4.33 -12.04 -33.87
N ARG A 39 3.34 -11.51 -33.17
CA ARG A 39 3.14 -11.84 -31.78
C ARG A 39 1.72 -12.36 -31.54
N PRO A 40 1.56 -13.30 -30.59
CA PRO A 40 0.29 -14.00 -30.37
C PRO A 40 -0.86 -13.11 -29.90
N LEU A 41 -2.05 -13.45 -30.39
CA LEU A 41 -3.28 -12.77 -30.00
C LEU A 41 -4.17 -13.68 -29.17
N VAL A 42 -5.10 -13.06 -28.45
CA VAL A 42 -6.18 -13.79 -27.81
C VAL A 42 -7.47 -13.08 -28.20
N ILE A 43 -8.60 -13.77 -28.02
CA ILE A 43 -9.88 -13.17 -28.32
C ILE A 43 -10.62 -12.92 -27.02
N LEU A 44 -10.95 -11.66 -26.77
CA LEU A 44 -11.70 -11.27 -25.59
C LEU A 44 -13.18 -11.12 -25.91
N THR A 45 -14.04 -11.85 -25.20
CA THR A 45 -15.49 -11.66 -25.30
C THR A 45 -16.03 -10.88 -24.09
N THR A 46 -16.78 -9.82 -24.36
CA THR A 46 -17.39 -9.05 -23.28
C THR A 46 -18.90 -8.95 -23.50
N VAL A 47 -19.62 -8.47 -22.49
CA VAL A 47 -21.05 -8.20 -22.65
C VAL A 47 -21.25 -6.70 -22.92
N GLY A 48 -21.98 -6.39 -23.97
CA GLY A 48 -22.20 -5.01 -24.33
C GLY A 48 -23.04 -4.36 -23.26
N ARG A 49 -22.56 -3.25 -22.71
CA ARG A 49 -23.25 -2.65 -21.56
C ARG A 49 -24.57 -2.00 -21.96
N LYS A 50 -24.72 -1.69 -23.25
CA LYS A 50 -25.95 -1.09 -23.77
C LYS A 50 -26.89 -2.10 -24.45
N THR A 51 -26.32 -2.99 -25.23
CA THR A 51 -27.12 -3.89 -26.06
C THR A 51 -27.35 -5.26 -25.43
N GLY A 52 -26.50 -5.64 -24.48
CA GLY A 52 -26.49 -6.99 -23.94
C GLY A 52 -25.94 -8.01 -24.92
N ALA A 53 -25.48 -7.54 -26.07
CA ALA A 53 -24.84 -8.39 -27.07
C ALA A 53 -23.47 -8.90 -26.58
N LEU A 54 -23.08 -10.08 -27.03
CA LEU A 54 -21.71 -10.53 -26.81
C LEU A 54 -20.84 -9.87 -27.86
N ARG A 55 -19.69 -9.37 -27.42
CA ARG A 55 -18.78 -8.62 -28.28
C ARG A 55 -17.40 -9.29 -28.21
N LYS A 56 -16.71 -9.38 -29.34
CA LYS A 56 -15.47 -10.14 -29.41
C LYS A 56 -14.38 -9.29 -30.05
N THR A 57 -13.23 -9.26 -29.40
CA THR A 57 -12.18 -8.30 -29.69
C THR A 57 -10.82 -8.99 -29.63
N PRO A 58 -10.07 -9.01 -30.75
CA PRO A 58 -8.68 -9.48 -30.68
C PRO A 58 -7.83 -8.49 -29.87
N VAL A 59 -6.97 -9.00 -29.00
CA VAL A 59 -6.01 -8.12 -28.27
C VAL A 59 -4.70 -8.89 -28.14
N MET A 60 -3.61 -8.18 -27.84
CA MET A 60 -2.34 -8.89 -27.66
C MET A 60 -2.42 -9.85 -26.48
N ARG A 61 -1.79 -11.02 -26.64
CA ARG A 61 -1.68 -11.97 -25.54
C ARG A 61 -0.63 -11.50 -24.55
N VAL A 62 -1.01 -11.39 -23.28
CA VAL A 62 -0.07 -11.05 -22.20
C VAL A 62 -0.40 -11.95 -21.02
N GLU A 63 0.44 -12.96 -20.79
CA GLU A 63 0.05 -14.06 -19.93
C GLU A 63 1.08 -14.38 -18.86
N HIS A 64 0.60 -14.68 -17.65
CA HIS A 64 1.45 -15.17 -16.56
C HIS A 64 0.61 -15.88 -15.51
N ASP A 65 1.01 -17.10 -15.15
CA ASP A 65 0.32 -17.91 -14.14
C ASP A 65 -1.20 -18.03 -14.38
N GLY A 66 -1.58 -18.14 -15.65
CA GLY A 66 -2.96 -18.43 -16.01
C GLY A 66 -3.85 -17.20 -15.89
N ARG A 67 -3.21 -16.05 -15.65
CA ARG A 67 -3.87 -14.77 -15.70
C ARG A 67 -3.46 -14.09 -17.00
N TYR A 68 -4.33 -13.22 -17.51
CA TYR A 68 -4.06 -12.46 -18.71
C TYR A 68 -4.31 -11.01 -18.44
N ALA A 69 -3.42 -10.17 -18.92
CA ALA A 69 -3.66 -8.74 -18.84
C ALA A 69 -4.10 -8.33 -20.22
N VAL A 70 -5.09 -7.46 -20.27
CA VAL A 70 -5.49 -6.86 -21.53
C VAL A 70 -5.29 -5.35 -21.40
N VAL A 71 -4.86 -4.75 -22.50
CA VAL A 71 -4.45 -3.36 -22.46
C VAL A 71 -5.34 -2.58 -23.41
N ALA A 72 -6.06 -1.59 -22.89
CA ALA A 72 -7.06 -0.85 -23.67
C ALA A 72 -6.41 0.32 -24.41
N SER A 73 -5.55 0.01 -25.38
CA SER A 73 -4.77 1.03 -26.08
C SER A 73 -5.42 1.51 -27.35
N GLN A 74 -6.28 0.67 -27.93
CA GLN A 74 -6.93 0.97 -29.21
C GLN A 74 -5.97 1.60 -30.22
N GLY A 75 -4.80 0.98 -30.39
CA GLY A 75 -3.84 1.42 -31.39
C GLY A 75 -3.34 2.83 -31.15
N GLY A 76 -3.37 3.28 -29.90
CA GLY A 76 -2.95 4.63 -29.57
C GLY A 76 -4.02 5.69 -29.81
N ALA A 77 -5.27 5.26 -29.85
CA ALA A 77 -6.39 6.21 -29.95
C ALA A 77 -6.58 6.93 -28.62
N PRO A 78 -7.11 8.16 -28.66
CA PRO A 78 -7.26 8.96 -27.43
C PRO A 78 -8.31 8.40 -26.47
N THR A 79 -9.37 7.81 -27.04
CA THR A 79 -10.53 7.37 -26.27
C THR A 79 -10.43 5.89 -25.87
N HIS A 80 -11.14 5.51 -24.81
CA HIS A 80 -11.25 4.11 -24.42
C HIS A 80 -12.09 3.31 -25.42
N PRO A 81 -11.71 2.07 -25.71
CA PRO A 81 -12.56 1.26 -26.59
C PRO A 81 -13.85 0.78 -25.90
N ALA A 82 -14.84 0.41 -26.70
CA ALA A 82 -16.10 -0.04 -26.12
C ALA A 82 -15.92 -1.23 -25.16
N TRP A 83 -15.04 -2.17 -25.50
CA TRP A 83 -14.89 -3.34 -24.64
C TRP A 83 -14.43 -2.97 -23.23
N TYR A 84 -13.75 -1.85 -23.11
CA TYR A 84 -13.32 -1.38 -21.80
C TYR A 84 -14.54 -0.95 -20.96
N PHE A 85 -15.44 -0.17 -21.56
CA PHE A 85 -16.65 0.20 -20.84
C PHE A 85 -17.49 -1.02 -20.50
N ASN A 86 -17.53 -1.99 -21.41
CA ASN A 86 -18.26 -3.23 -21.16
C ASN A 86 -17.73 -3.92 -19.90
N LEU A 87 -16.41 -4.05 -19.79
CA LEU A 87 -15.81 -4.65 -18.59
C LEU A 87 -16.07 -3.87 -17.29
N VAL A 88 -16.10 -2.55 -17.38
CA VAL A 88 -16.35 -1.75 -16.19
C VAL A 88 -17.80 -2.01 -15.69
N ALA A 89 -18.72 -2.21 -16.64
CA ALA A 89 -20.13 -2.46 -16.31
C ALA A 89 -20.38 -3.89 -15.81
N ASP A 90 -19.57 -4.83 -16.29
CA ASP A 90 -19.70 -6.24 -15.93
C ASP A 90 -18.37 -6.91 -16.24
N PRO A 91 -17.56 -7.15 -15.21
CA PRO A 91 -16.19 -7.61 -15.46
C PRO A 91 -16.11 -9.08 -15.87
N ARG A 92 -17.24 -9.76 -15.99
CA ARG A 92 -17.20 -11.13 -16.48
C ARG A 92 -16.88 -11.17 -17.97
N ALA A 93 -15.96 -12.04 -18.36
CA ALA A 93 -15.60 -12.13 -19.76
C ALA A 93 -15.18 -13.54 -20.11
N GLN A 94 -15.00 -13.76 -21.41
CA GLN A 94 -14.38 -14.97 -21.90
C GLN A 94 -13.07 -14.57 -22.56
N LEU A 95 -12.06 -15.39 -22.36
CA LEU A 95 -10.77 -15.17 -22.97
C LEU A 95 -10.36 -16.41 -23.72
N ARG A 96 -10.36 -16.35 -25.04
CA ARG A 96 -9.93 -17.49 -25.83
C ARG A 96 -8.44 -17.39 -26.18
N ASP A 97 -7.66 -18.37 -25.77
CA ASP A 97 -6.26 -18.47 -26.13
C ASP A 97 -6.13 -19.77 -26.87
N LYS A 98 -6.02 -19.67 -28.20
CA LYS A 98 -6.00 -20.83 -29.07
C LYS A 98 -7.23 -21.70 -28.86
N ASP A 99 -7.03 -22.92 -28.35
CA ASP A 99 -8.14 -23.86 -28.16
C ASP A 99 -8.84 -23.70 -26.81
N ALA A 100 -8.20 -23.01 -25.87
CA ALA A 100 -8.76 -22.86 -24.52
C ALA A 100 -9.69 -21.66 -24.41
N VAL A 101 -10.85 -21.86 -23.80
CA VAL A 101 -11.82 -20.80 -23.62
C VAL A 101 -12.05 -20.60 -22.13
N LEU A 102 -11.51 -19.51 -21.59
CA LEU A 102 -11.55 -19.29 -20.15
C LEU A 102 -12.64 -18.33 -19.77
N SER A 103 -13.40 -18.67 -18.73
CA SER A 103 -14.30 -17.73 -18.07
C SER A 103 -13.50 -16.98 -17.02
N VAL A 104 -13.49 -15.66 -17.13
CA VAL A 104 -12.62 -14.84 -16.29
C VAL A 104 -13.40 -13.67 -15.77
N VAL A 105 -12.82 -12.96 -14.81
CA VAL A 105 -13.39 -11.71 -14.32
C VAL A 105 -12.29 -10.65 -14.35
N ALA A 106 -12.61 -9.48 -14.89
CA ALA A 106 -11.63 -8.40 -15.08
C ALA A 106 -11.52 -7.55 -13.85
N ARG A 107 -10.29 -7.10 -13.57
CA ARG A 107 -10.03 -6.15 -12.50
C ARG A 107 -9.01 -5.11 -13.01
N GLU A 108 -9.39 -3.85 -13.03
CA GLU A 108 -8.47 -2.79 -13.49
C GLU A 108 -7.35 -2.57 -12.47
N LEU A 109 -6.11 -2.52 -12.97
CA LEU A 109 -4.94 -2.48 -12.09
C LEU A 109 -4.42 -1.06 -11.81
N ALA A 110 -3.83 -0.91 -10.64
CA ALA A 110 -3.20 0.33 -10.23
C ALA A 110 -1.92 0.00 -9.46
N GLY A 111 -1.10 1.01 -9.19
CA GLY A 111 0.07 0.83 -8.36
C GLY A 111 1.07 -0.22 -8.84
N PRO A 112 1.81 -0.82 -7.89
CA PRO A 112 2.89 -1.76 -8.20
C PRO A 112 2.38 -2.97 -8.98
N GLU A 113 1.17 -3.45 -8.69
CA GLU A 113 0.60 -4.55 -9.47
C GLU A 113 0.46 -4.15 -10.95
N ARG A 114 -0.03 -2.95 -11.19
CA ARG A 114 -0.10 -2.46 -12.58
C ARG A 114 1.29 -2.41 -13.20
N ALA A 115 2.25 -1.89 -12.45
CA ALA A 115 3.60 -1.75 -12.98
C ALA A 115 4.18 -3.09 -13.43
N GLU A 116 3.91 -4.12 -12.65
CA GLU A 116 4.39 -5.45 -12.95
C GLU A 116 3.79 -5.93 -14.27
N TRP A 117 2.48 -5.80 -14.41
CA TRP A 117 1.83 -6.25 -15.65
C TRP A 117 2.11 -5.34 -16.86
N TRP A 118 2.36 -4.06 -16.59
CA TRP A 118 2.77 -3.16 -17.66
C TRP A 118 4.12 -3.61 -18.25
N GLU A 119 5.06 -3.96 -17.37
CA GLU A 119 6.33 -4.49 -17.83
C GLU A 119 6.12 -5.77 -18.63
N ARG A 120 5.26 -6.66 -18.14
CA ARG A 120 4.97 -7.86 -18.90
C ARG A 120 4.34 -7.53 -20.25
N ALA A 121 3.47 -6.53 -20.29
CA ALA A 121 2.81 -6.19 -21.55
C ALA A 121 3.78 -5.58 -22.57
N VAL A 122 4.67 -4.73 -22.10
CA VAL A 122 5.64 -4.12 -23.00
C VAL A 122 6.68 -5.12 -23.51
N ARG A 123 7.01 -6.12 -22.69
CA ARG A 123 7.87 -7.21 -23.12
C ARG A 123 7.22 -7.95 -24.29
N ALA A 124 5.92 -8.19 -24.15
CA ALA A 124 5.14 -8.91 -25.17
C ALA A 124 4.94 -8.10 -26.45
N TYR A 125 4.74 -6.80 -26.30
CA TYR A 125 4.42 -5.90 -27.41
C TYR A 125 5.01 -4.52 -27.10
N PRO A 126 6.26 -4.27 -27.54
CA PRO A 126 6.96 -3.04 -27.15
C PRO A 126 6.25 -1.78 -27.60
N THR A 127 5.44 -1.91 -28.64
CA THR A 127 4.68 -0.77 -29.16
C THR A 127 3.75 -0.14 -28.11
N TYR A 128 3.32 -0.93 -27.12
CA TYR A 128 2.52 -0.36 -26.05
C TYR A 128 3.21 0.83 -25.36
N GLN A 129 4.53 0.78 -25.24
CA GLN A 129 5.24 1.89 -24.59
C GLN A 129 5.17 3.14 -25.44
N GLU A 130 5.23 2.97 -26.75
CA GLU A 130 5.08 4.10 -27.67
C GLU A 130 3.69 4.73 -27.47
N TYR A 131 2.66 3.88 -27.39
CA TYR A 131 1.32 4.41 -27.11
C TYR A 131 1.26 5.19 -25.80
N GLN A 132 1.78 4.63 -24.71
CA GLN A 132 1.70 5.34 -23.42
C GLN A 132 2.46 6.66 -23.49
N ASP A 133 3.61 6.65 -24.16
CA ASP A 133 4.43 7.85 -24.26
C ASP A 133 3.64 8.94 -24.97
N ASN A 134 2.70 8.51 -25.81
CA ASN A 134 1.98 9.45 -26.66
C ASN A 134 0.58 9.78 -26.11
N THR A 135 0.32 9.36 -24.87
CA THR A 135 -0.92 9.73 -24.18
C THR A 135 -0.60 10.29 -22.79
N ARG A 136 -1.30 11.36 -22.39
CA ARG A 136 -1.15 11.87 -21.04
C ARG A 136 -2.05 11.11 -20.08
N ARG A 137 -2.98 10.36 -20.63
CA ARG A 137 -3.89 9.54 -19.83
C ARG A 137 -3.27 8.15 -19.61
N LEU A 138 -3.29 7.67 -18.36
CA LEU A 138 -2.82 6.32 -18.07
C LEU A 138 -3.65 5.27 -18.83
N ILE A 139 -2.98 4.42 -19.62
CA ILE A 139 -3.69 3.39 -20.39
C ILE A 139 -4.27 2.29 -19.47
N PRO A 140 -5.56 1.99 -19.64
CA PRO A 140 -6.12 1.00 -18.70
C PRO A 140 -5.51 -0.39 -18.91
N VAL A 141 -5.05 -1.00 -17.83
CA VAL A 141 -4.56 -2.38 -17.87
C VAL A 141 -5.46 -3.21 -16.96
N LEU A 142 -6.13 -4.21 -17.53
CA LEU A 142 -7.07 -5.02 -16.75
C LEU A 142 -6.58 -6.46 -16.64
N LEU A 143 -6.63 -6.97 -15.42
CA LEU A 143 -6.19 -8.32 -15.18
C LEU A 143 -7.40 -9.26 -15.26
N LEU A 144 -7.26 -10.31 -16.07
CA LEU A 144 -8.32 -11.30 -16.22
C LEU A 144 -8.03 -12.50 -15.36
N GLU A 145 -8.81 -12.65 -14.28
CA GLU A 145 -8.58 -13.70 -13.30
C GLU A 145 -9.59 -14.85 -13.45
N PRO A 146 -9.15 -16.08 -13.11
CA PRO A 146 -9.95 -17.29 -13.37
C PRO A 146 -11.30 -17.20 -12.68
N GLY A 147 -12.36 -17.60 -13.38
CA GLY A 147 -13.70 -17.51 -12.84
C GLY A 147 -14.08 -18.73 -12.04
N THR B 7 -11.15 -12.37 2.10
CA THR B 7 -10.61 -11.25 2.86
C THR B 7 -11.12 -11.23 4.30
N GLY B 8 -10.19 -11.13 5.26
CA GLY B 8 -10.53 -11.13 6.68
C GLY B 8 -10.70 -12.54 7.24
N GLU B 9 -10.87 -13.50 6.34
CA GLU B 9 -11.11 -14.88 6.75
C GLU B 9 -9.83 -15.73 6.72
N TYR B 10 -9.70 -16.60 7.71
CA TYR B 10 -8.60 -17.55 7.75
C TYR B 10 -8.75 -18.63 6.68
N VAL B 11 -7.74 -18.73 5.80
CA VAL B 11 -7.65 -19.80 4.81
C VAL B 11 -6.39 -20.63 5.08
N PRO B 12 -6.58 -21.89 5.52
CA PRO B 12 -5.45 -22.76 5.88
C PRO B 12 -4.49 -23.06 4.73
N SER B 13 -3.24 -23.29 5.10
CA SER B 13 -2.23 -23.79 4.16
C SER B 13 -2.77 -25.00 3.38
N PRO B 14 -2.28 -25.19 2.14
CA PRO B 14 -2.63 -26.37 1.34
C PRO B 14 -2.00 -27.64 1.88
N SER B 15 -0.84 -27.53 2.54
CA SER B 15 -0.29 -28.70 3.21
C SER B 15 -1.30 -29.17 4.25
N GLU B 16 -1.81 -30.38 4.08
CA GLU B 16 -2.78 -30.92 5.03
C GLU B 16 -2.18 -31.02 6.42
N TRP B 17 -0.94 -31.45 6.49
CA TRP B 17 -0.28 -31.62 7.78
C TRP B 17 -0.17 -30.26 8.50
N ILE B 18 0.21 -29.22 7.75
CA ILE B 18 0.35 -27.88 8.35
C ILE B 18 -0.98 -27.34 8.87
N GLY B 19 -2.02 -27.41 8.04
CA GLY B 19 -3.32 -26.93 8.47
C GLY B 19 -3.81 -27.66 9.71
N ASN B 20 -3.57 -28.97 9.74
CA ASN B 20 -4.01 -29.76 10.86
C ASN B 20 -3.23 -29.41 12.14
N GLN B 21 -1.92 -29.15 11.99
CA GLN B 21 -1.07 -28.75 13.13
C GLN B 21 -1.54 -27.44 13.73
N VAL B 22 -1.84 -26.47 12.87
CA VAL B 22 -2.38 -25.19 13.34
C VAL B 22 -3.68 -25.41 14.08
N ALA B 23 -4.52 -26.26 13.51
CA ALA B 23 -5.84 -26.49 14.10
C ALA B 23 -5.76 -27.09 15.50
N GLN B 24 -4.96 -28.14 15.66
CA GLN B 24 -4.84 -28.80 16.97
C GLN B 24 -4.21 -27.86 18.00
N TYR B 25 -3.22 -27.09 17.57
CA TYR B 25 -2.58 -26.12 18.45
C TYR B 25 -3.61 -25.11 18.97
N GLU B 26 -4.34 -24.46 18.07
CA GLU B 26 -5.33 -23.46 18.49
C GLU B 26 -6.44 -24.05 19.37
N ALA B 27 -6.90 -25.24 19.01
CA ALA B 27 -7.96 -25.92 19.77
C ALA B 27 -7.59 -26.28 21.21
N SER B 28 -6.29 -26.44 21.46
CA SER B 28 -5.79 -26.95 22.74
C SER B 28 -4.90 -25.95 23.50
N ASP B 29 -4.90 -24.71 23.06
CA ASP B 29 -3.94 -23.72 23.58
C ASP B 29 -2.50 -24.24 23.61
N GLY B 30 -2.12 -24.99 22.57
CA GLY B 30 -0.76 -25.49 22.46
C GLY B 30 -0.46 -26.77 23.24
N ALA B 31 -1.46 -27.33 23.93
CA ALA B 31 -1.23 -28.61 24.63
C ALA B 31 -1.05 -29.74 23.61
N GLU B 32 -1.71 -29.63 22.47
CA GLU B 32 -1.51 -30.54 21.35
C GLU B 32 -0.75 -29.84 20.23
N ALA B 33 0.10 -30.59 19.53
CA ALA B 33 0.80 -30.08 18.36
C ALA B 33 1.60 -28.85 18.75
N GLY B 34 2.07 -28.84 19.99
CA GLY B 34 2.71 -27.67 20.57
C GLY B 34 4.23 -27.70 20.43
N GLU B 35 4.76 -28.78 19.89
CA GLU B 35 6.21 -28.89 19.73
C GLU B 35 6.67 -29.56 18.44
N PHE B 36 7.88 -29.21 17.99
CA PHE B 36 8.53 -29.90 16.90
C PHE B 36 9.99 -30.16 17.30
N ASP B 37 10.50 -31.37 17.08
CA ASP B 37 11.89 -31.68 17.43
C ASP B 37 12.10 -31.47 18.92
N GLY B 38 11.06 -31.77 19.70
CA GLY B 38 11.08 -31.66 21.15
C GLY B 38 11.07 -30.23 21.65
N ARG B 39 10.80 -29.28 20.78
CA ARG B 39 10.97 -27.87 21.08
C ARG B 39 9.68 -27.08 20.80
N PRO B 40 9.40 -26.08 21.63
CA PRO B 40 8.09 -25.40 21.55
C PRO B 40 7.88 -24.60 20.27
N LEU B 41 6.63 -24.61 19.82
CA LEU B 41 6.16 -23.86 18.66
C LEU B 41 5.24 -22.70 19.04
N VAL B 42 5.11 -21.74 18.14
CA VAL B 42 4.08 -20.71 18.23
C VAL B 42 3.35 -20.67 16.89
N ILE B 43 2.17 -20.06 16.84
CA ILE B 43 1.41 -19.92 15.60
C ILE B 43 1.40 -18.45 15.19
N LEU B 44 1.93 -18.17 14.00
CA LEU B 44 1.99 -16.83 13.43
C LEU B 44 0.83 -16.62 12.47
N THR B 45 0.04 -15.59 12.70
CA THR B 45 -1.06 -15.25 11.79
C THR B 45 -0.66 -14.00 11.01
N THR B 46 -0.72 -14.08 9.69
CA THR B 46 -0.35 -12.94 8.84
C THR B 46 -1.51 -12.66 7.90
N VAL B 47 -1.42 -11.53 7.21
CA VAL B 47 -2.40 -11.13 6.19
C VAL B 47 -1.82 -11.39 4.80
N GLY B 48 -2.54 -12.17 4.01
CA GLY B 48 -2.10 -12.51 2.66
C GLY B 48 -1.93 -11.25 1.84
N ARG B 49 -0.75 -11.05 1.26
CA ARG B 49 -0.51 -9.79 0.58
C ARG B 49 -1.29 -9.72 -0.73
N LYS B 50 -1.67 -10.86 -1.26
CA LYS B 50 -2.40 -10.91 -2.51
C LYS B 50 -3.90 -11.12 -2.30
N THR B 51 -4.26 -12.01 -1.38
CA THR B 51 -5.65 -12.41 -1.22
C THR B 51 -6.39 -11.64 -0.13
N GLY B 52 -5.65 -11.08 0.82
CA GLY B 52 -6.24 -10.45 2.00
C GLY B 52 -6.71 -11.43 3.07
N ALA B 53 -6.54 -12.71 2.80
CA ALA B 53 -6.94 -13.74 3.74
C ALA B 53 -5.98 -13.79 4.93
N LEU B 54 -6.47 -14.25 6.08
CA LEU B 54 -5.60 -14.52 7.20
C LEU B 54 -4.93 -15.87 6.96
N ARG B 55 -3.64 -15.93 7.30
CA ARG B 55 -2.82 -17.10 7.02
C ARG B 55 -2.16 -17.46 8.35
N LYS B 56 -2.05 -18.76 8.61
CA LYS B 56 -1.53 -19.21 9.90
C LYS B 56 -0.47 -20.27 9.69
N THR B 57 0.64 -20.12 10.42
CA THR B 57 1.90 -20.79 10.14
C THR B 57 2.55 -21.19 11.47
N PRO B 58 2.73 -22.49 11.75
CA PRO B 58 3.56 -22.85 12.92
C PRO B 58 5.02 -22.48 12.66
N VAL B 59 5.68 -21.90 13.65
CA VAL B 59 7.11 -21.61 13.57
C VAL B 59 7.75 -21.85 14.93
N MET B 60 9.07 -21.99 14.98
CA MET B 60 9.71 -22.23 16.27
C MET B 60 9.52 -21.02 17.18
N ARG B 61 9.32 -21.28 18.47
CA ARG B 61 9.25 -20.24 19.48
C ARG B 61 10.66 -19.78 19.81
N VAL B 62 10.90 -18.49 19.61
CA VAL B 62 12.16 -17.84 20.02
C VAL B 62 11.75 -16.58 20.77
N GLU B 63 11.89 -16.61 22.09
CA GLU B 63 11.30 -15.58 22.91
C GLU B 63 12.31 -14.93 23.86
N HIS B 64 12.09 -13.65 24.12
CA HIS B 64 12.85 -12.94 25.16
C HIS B 64 12.12 -11.64 25.52
N ASP B 65 11.85 -11.47 26.81
CA ASP B 65 11.16 -10.28 27.33
C ASP B 65 9.84 -9.96 26.59
N GLY B 66 9.05 -10.97 26.28
CA GLY B 66 7.76 -10.74 25.64
C GLY B 66 7.84 -10.44 24.16
N ARG B 67 9.05 -10.42 23.61
CA ARG B 67 9.25 -10.32 22.17
C ARG B 67 9.51 -11.69 21.58
N TYR B 68 9.13 -11.86 20.31
CA TYR B 68 9.39 -13.09 19.60
C TYR B 68 10.10 -12.79 18.30
N ALA B 69 11.11 -13.59 17.99
CA ALA B 69 11.70 -13.57 16.66
C ALA B 69 11.10 -14.70 15.84
N VAL B 70 10.77 -14.43 14.58
CA VAL B 70 10.41 -15.50 13.65
C VAL B 70 11.48 -15.60 12.55
N VAL B 71 11.82 -16.83 12.20
CA VAL B 71 12.89 -17.10 11.24
C VAL B 71 12.30 -17.71 9.99
N ALA B 72 12.43 -17.00 8.88
CA ALA B 72 11.81 -17.39 7.61
C ALA B 72 12.70 -18.38 6.85
N SER B 73 12.87 -19.58 7.42
CA SER B 73 13.83 -20.56 6.91
C SER B 73 13.19 -21.59 5.99
N GLN B 74 11.92 -21.90 6.22
CA GLN B 74 11.21 -22.87 5.39
C GLN B 74 11.97 -24.20 5.17
N GLY B 75 12.53 -24.75 6.25
CA GLY B 75 13.21 -26.03 6.15
C GLY B 75 14.40 -26.01 5.21
N GLY B 76 15.02 -24.85 5.01
CA GLY B 76 16.17 -24.76 4.13
C GLY B 76 15.82 -24.57 2.65
N ALA B 77 14.55 -24.38 2.34
CA ALA B 77 14.14 -24.11 0.96
C ALA B 77 14.88 -22.91 0.34
N PRO B 78 15.10 -22.95 -0.98
CA PRO B 78 15.79 -21.85 -1.66
C PRO B 78 14.99 -20.54 -1.72
N THR B 79 13.68 -20.60 -1.48
CA THR B 79 12.84 -19.41 -1.58
C THR B 79 12.34 -18.97 -0.21
N HIS B 80 11.94 -17.70 -0.06
CA HIS B 80 11.27 -17.24 1.16
C HIS B 80 9.85 -17.77 1.21
N PRO B 81 9.35 -18.09 2.42
CA PRO B 81 7.96 -18.56 2.54
C PRO B 81 6.98 -17.41 2.32
N ALA B 82 5.74 -17.75 1.98
CA ALA B 82 4.69 -16.76 1.72
C ALA B 82 4.50 -15.81 2.89
N TRP B 83 4.57 -16.34 4.11
CA TRP B 83 4.29 -15.51 5.27
C TRP B 83 5.30 -14.40 5.44
N TYR B 84 6.52 -14.61 4.96
CA TYR B 84 7.54 -13.56 4.94
C TYR B 84 7.08 -12.39 4.05
N PHE B 85 6.72 -12.70 2.81
CA PHE B 85 6.21 -11.68 1.90
C PHE B 85 5.02 -10.94 2.50
N ASN B 86 4.13 -11.70 3.17
CA ASN B 86 3.01 -11.11 3.88
C ASN B 86 3.43 -10.06 4.92
N LEU B 87 4.43 -10.39 5.74
CA LEU B 87 4.87 -9.48 6.82
C LEU B 87 5.52 -8.25 6.22
N VAL B 88 6.23 -8.44 5.13
CA VAL B 88 6.86 -7.29 4.48
C VAL B 88 5.80 -6.30 3.97
N ALA B 89 4.73 -6.83 3.40
CA ALA B 89 3.67 -5.99 2.84
C ALA B 89 2.80 -5.36 3.93
N ASP B 90 2.63 -6.07 5.05
CA ASP B 90 1.80 -5.59 6.16
C ASP B 90 2.34 -6.20 7.45
N PRO B 91 3.12 -5.42 8.21
CA PRO B 91 3.85 -5.91 9.39
C PRO B 91 2.93 -6.33 10.57
N ARG B 92 1.66 -5.97 10.51
CA ARG B 92 0.73 -6.37 11.57
C ARG B 92 0.48 -7.87 11.55
N ALA B 93 0.64 -8.50 12.70
CA ALA B 93 0.43 -9.94 12.79
C ALA B 93 -0.15 -10.30 14.15
N GLN B 94 -0.49 -11.58 14.30
CA GLN B 94 -0.81 -12.13 15.61
C GLN B 94 0.21 -13.23 15.90
N LEU B 95 0.57 -13.37 17.17
CA LEU B 95 1.49 -14.44 17.55
C LEU B 95 0.84 -15.22 18.69
N ARG B 96 0.50 -16.49 18.46
CA ARG B 96 -0.07 -17.27 19.55
C ARG B 96 0.99 -18.13 20.23
N ASP B 97 1.19 -17.91 21.53
CA ASP B 97 2.06 -18.74 22.34
C ASP B 97 1.14 -19.38 23.36
N LYS B 98 0.87 -20.67 23.16
CA LYS B 98 -0.06 -21.43 23.99
C LYS B 98 -1.44 -20.76 24.03
N ASP B 99 -1.87 -20.27 25.19
CA ASP B 99 -3.20 -19.66 25.24
C ASP B 99 -3.22 -18.18 24.80
N ALA B 100 -2.06 -17.54 24.86
CA ALA B 100 -1.95 -16.09 24.60
C ALA B 100 -1.89 -15.72 23.12
N VAL B 101 -2.87 -14.94 22.65
CA VAL B 101 -2.82 -14.42 21.28
C VAL B 101 -2.39 -12.96 21.33
N LEU B 102 -1.17 -12.72 20.88
CA LEU B 102 -0.56 -11.40 20.95
C LEU B 102 -0.71 -10.61 19.67
N SER B 103 -1.13 -9.36 19.79
CA SER B 103 -1.16 -8.47 18.64
C SER B 103 0.23 -7.84 18.52
N VAL B 104 0.90 -8.09 17.39
CA VAL B 104 2.28 -7.66 17.25
C VAL B 104 2.50 -6.93 15.93
N VAL B 105 3.67 -6.29 15.85
CA VAL B 105 4.13 -5.67 14.62
C VAL B 105 5.53 -6.17 14.32
N ALA B 106 5.76 -6.57 13.06
CA ALA B 106 7.00 -7.22 12.67
C ALA B 106 8.01 -6.22 12.09
N ARG B 107 9.29 -6.48 12.39
CA ARG B 107 10.39 -5.63 11.93
C ARG B 107 11.57 -6.53 11.55
N GLU B 108 11.95 -6.53 10.28
CA GLU B 108 13.06 -7.35 9.82
C GLU B 108 14.36 -6.82 10.41
N LEU B 109 15.16 -7.71 10.99
CA LEU B 109 16.36 -7.30 11.71
C LEU B 109 17.62 -7.31 10.86
N ALA B 110 18.54 -6.42 11.22
CA ALA B 110 19.85 -6.34 10.58
C ALA B 110 20.88 -6.05 11.66
N GLY B 111 22.14 -6.26 11.35
CA GLY B 111 23.23 -5.84 12.21
C GLY B 111 23.31 -6.57 13.54
N PRO B 112 23.86 -5.89 14.55
CA PRO B 112 24.05 -6.46 15.89
C PRO B 112 22.76 -6.95 16.51
N GLU B 113 21.65 -6.27 16.27
CA GLU B 113 20.35 -6.73 16.78
C GLU B 113 19.93 -8.06 16.15
N ARG B 114 20.14 -8.21 14.84
CA ARG B 114 19.89 -9.50 14.21
C ARG B 114 20.80 -10.57 14.82
N ALA B 115 22.07 -10.21 14.99
CA ALA B 115 23.04 -11.17 15.50
C ALA B 115 22.59 -11.70 16.85
N GLU B 116 22.02 -10.83 17.66
CA GLU B 116 21.59 -11.21 19.00
C GLU B 116 20.47 -12.23 18.91
N TRP B 117 19.48 -11.92 18.09
CA TRP B 117 18.32 -12.78 17.93
C TRP B 117 18.63 -14.07 17.17
N TRP B 118 19.61 -14.00 16.27
CA TRP B 118 20.04 -15.20 15.56
C TRP B 118 20.63 -16.17 16.56
N GLU B 119 21.47 -15.67 17.47
CA GLU B 119 21.98 -16.53 18.54
C GLU B 119 20.84 -17.13 19.39
N ARG B 120 19.84 -16.32 19.71
CA ARG B 120 18.70 -16.86 20.46
C ARG B 120 17.96 -17.93 19.68
N ALA B 121 17.82 -17.71 18.36
CA ALA B 121 17.11 -18.65 17.51
C ALA B 121 17.81 -19.99 17.46
N VAL B 122 19.12 -19.93 17.26
CA VAL B 122 19.93 -21.13 17.11
C VAL B 122 20.01 -21.89 18.43
N ARG B 123 19.96 -21.16 19.55
CA ARG B 123 19.92 -21.76 20.87
C ARG B 123 18.63 -22.58 21.00
N ALA B 124 17.52 -21.98 20.57
CA ALA B 124 16.22 -22.67 20.59
C ALA B 124 16.13 -23.84 19.61
N TYR B 125 16.69 -23.66 18.41
CA TYR B 125 16.57 -24.68 17.37
C TYR B 125 17.87 -24.69 16.55
N PRO B 126 18.85 -25.47 16.99
CA PRO B 126 20.19 -25.55 16.39
C PRO B 126 20.15 -25.79 14.90
N THR B 127 19.13 -26.50 14.46
CA THR B 127 18.98 -26.80 13.04
C THR B 127 18.94 -25.53 12.16
N TYR B 128 18.52 -24.39 12.72
CA TYR B 128 18.56 -23.13 11.96
C TYR B 128 19.95 -22.84 11.40
N GLN B 129 20.99 -23.20 12.14
CA GLN B 129 22.34 -22.93 11.66
C GLN B 129 22.69 -23.80 10.44
N GLU B 130 22.24 -25.04 10.44
CA GLU B 130 22.41 -25.91 9.29
C GLU B 130 21.76 -25.25 8.07
N TYR B 131 20.55 -24.71 8.26
CA TYR B 131 19.86 -24.05 7.15
C TYR B 131 20.68 -22.89 6.61
N GLN B 132 21.19 -22.03 7.49
CA GLN B 132 21.95 -20.88 7.05
C GLN B 132 23.23 -21.30 6.31
N ASP B 133 23.92 -22.31 6.84
CA ASP B 133 25.14 -22.83 6.21
C ASP B 133 24.90 -23.28 4.78
N ASN B 134 23.67 -23.71 4.50
CA ASN B 134 23.34 -24.30 3.22
C ASN B 134 22.71 -23.34 2.22
N THR B 135 22.86 -22.04 2.50
CA THR B 135 22.49 -21.00 1.56
C THR B 135 23.34 -19.75 1.73
N ARG B 136 23.60 -19.07 0.61
CA ARG B 136 24.41 -17.86 0.65
C ARG B 136 23.55 -16.63 0.93
N ARG B 137 22.24 -16.79 0.80
CA ARG B 137 21.31 -15.71 1.13
C ARG B 137 21.05 -15.67 2.64
N LEU B 138 21.15 -14.48 3.23
CA LEU B 138 20.85 -14.28 4.65
C LEU B 138 19.40 -14.65 4.98
N ILE B 139 19.19 -15.57 5.91
CA ILE B 139 17.82 -15.95 6.28
C ILE B 139 17.13 -14.79 7.00
N PRO B 140 15.93 -14.41 6.55
CA PRO B 140 15.24 -13.32 7.27
C PRO B 140 14.87 -13.67 8.72
N VAL B 141 15.20 -12.77 9.64
CA VAL B 141 14.77 -12.88 11.03
C VAL B 141 13.96 -11.62 11.34
N LEU B 142 12.70 -11.80 11.73
CA LEU B 142 11.82 -10.65 12.02
C LEU B 142 11.45 -10.64 13.49
N LEU B 143 11.57 -9.46 14.09
CA LEU B 143 11.21 -9.31 15.50
C LEU B 143 9.76 -8.87 15.62
N LEU B 144 9.01 -9.57 16.48
CA LEU B 144 7.60 -9.28 16.67
C LEU B 144 7.44 -8.54 17.98
N GLU B 145 7.09 -7.27 17.88
CA GLU B 145 7.04 -6.41 19.06
C GLU B 145 5.58 -6.07 19.34
N PRO B 146 5.24 -5.84 20.61
CA PRO B 146 3.85 -5.56 20.98
C PRO B 146 3.30 -4.41 20.16
N GLY B 147 2.06 -4.53 19.71
CA GLY B 147 1.40 -3.48 18.96
C GLY B 147 0.70 -2.50 19.88
N THR C 7 -4.11 15.05 25.13
CA THR C 7 -3.21 14.85 24.00
C THR C 7 -3.50 15.80 22.83
N GLY C 8 -4.54 15.51 22.05
CA GLY C 8 -4.85 16.35 20.91
C GLY C 8 -3.79 16.23 19.81
N GLU C 9 -2.93 15.22 19.93
CA GLU C 9 -1.99 14.90 18.86
C GLU C 9 -2.59 13.83 17.96
N TYR C 10 -2.38 13.95 16.66
CA TYR C 10 -2.81 12.91 15.73
C TYR C 10 -1.92 11.66 15.81
N VAL C 11 -2.56 10.52 16.08
CA VAL C 11 -1.92 9.21 16.02
C VAL C 11 -2.61 8.37 14.94
N PRO C 12 -1.91 8.15 13.82
CA PRO C 12 -2.51 7.39 12.70
C PRO C 12 -2.97 5.98 13.08
N SER C 13 -3.90 5.48 12.28
CA SER C 13 -4.31 4.08 12.30
C SER C 13 -3.09 3.13 12.26
N PRO C 14 -3.18 2.01 12.98
CA PRO C 14 -2.18 0.95 12.88
C PRO C 14 -2.09 0.40 11.45
N SER C 15 -3.16 0.58 10.67
CA SER C 15 -3.12 0.14 9.28
C SER C 15 -2.32 1.13 8.45
N GLU C 16 -1.18 0.69 7.94
CA GLU C 16 -0.31 1.59 7.18
C GLU C 16 -1.04 2.11 5.95
N TRP C 17 -1.91 1.27 5.39
CA TRP C 17 -2.66 1.64 4.20
C TRP C 17 -3.62 2.80 4.51
N ILE C 18 -4.36 2.67 5.60
CA ILE C 18 -5.30 3.71 6.00
C ILE C 18 -4.52 5.00 6.28
N GLY C 19 -3.47 4.88 7.07
CA GLY C 19 -2.61 6.03 7.39
C GLY C 19 -2.11 6.76 6.16
N ASN C 20 -1.63 5.99 5.20
CA ASN C 20 -1.20 6.54 3.93
C ASN C 20 -2.32 7.26 3.20
N GLN C 21 -3.51 6.66 3.20
CA GLN C 21 -4.64 7.24 2.48
C GLN C 21 -5.03 8.58 3.10
N VAL C 22 -5.02 8.65 4.43
CA VAL C 22 -5.30 9.91 5.10
C VAL C 22 -4.21 10.93 4.74
N ALA C 23 -2.96 10.49 4.74
CA ALA C 23 -1.85 11.42 4.47
C ALA C 23 -1.94 12.05 3.08
N GLN C 24 -2.19 11.23 2.07
CA GLN C 24 -2.24 11.72 0.70
C GLN C 24 -3.43 12.65 0.49
N TYR C 25 -4.58 12.28 1.05
CA TYR C 25 -5.77 13.13 1.00
C TYR C 25 -5.49 14.53 1.58
N GLU C 26 -5.00 14.58 2.82
CA GLU C 26 -4.71 15.84 3.48
C GLU C 26 -3.68 16.67 2.70
N ALA C 27 -2.65 16.00 2.19
CA ALA C 27 -1.57 16.66 1.46
C ALA C 27 -2.05 17.30 0.17
N SER C 28 -3.17 16.81 -0.37
CA SER C 28 -3.63 17.21 -1.71
C SER C 28 -5.04 17.80 -1.76
N ASP C 29 -5.62 18.09 -0.60
CA ASP C 29 -7.02 18.55 -0.55
C ASP C 29 -7.96 17.56 -1.24
N GLY C 30 -7.64 16.27 -1.14
CA GLY C 30 -8.50 15.22 -1.66
C GLY C 30 -8.30 14.90 -3.13
N ALA C 31 -7.34 15.58 -3.75
CA ALA C 31 -7.04 15.33 -5.17
C ALA C 31 -6.38 13.98 -5.37
N GLU C 32 -5.65 13.51 -4.34
CA GLU C 32 -5.11 12.17 -4.30
C GLU C 32 -5.86 11.40 -3.23
N ALA C 33 -6.02 10.10 -3.41
CA ALA C 33 -6.70 9.22 -2.43
C ALA C 33 -8.07 9.77 -2.06
N GLY C 34 -8.74 10.38 -3.04
CA GLY C 34 -9.99 11.08 -2.78
C GLY C 34 -11.22 10.26 -3.10
N GLU C 35 -11.02 9.06 -3.62
CA GLU C 35 -12.15 8.21 -3.94
C GLU C 35 -11.85 6.78 -3.58
N PHE C 36 -12.91 6.01 -3.34
CA PHE C 36 -12.84 4.57 -3.20
C PHE C 36 -13.98 3.96 -4.02
N ASP C 37 -13.70 2.88 -4.75
CA ASP C 37 -14.71 2.28 -5.62
C ASP C 37 -15.33 3.32 -6.55
N GLY C 38 -14.50 4.26 -7.00
CA GLY C 38 -14.97 5.30 -7.90
C GLY C 38 -15.83 6.41 -7.33
N ARG C 39 -15.91 6.51 -6.00
CA ARG C 39 -16.83 7.43 -5.33
C ARG C 39 -16.07 8.25 -4.29
N PRO C 40 -16.55 9.48 -4.01
CA PRO C 40 -15.79 10.44 -3.17
C PRO C 40 -15.72 10.01 -1.69
N LEU C 41 -14.60 10.36 -1.07
CA LEU C 41 -14.35 10.10 0.34
C LEU C 41 -14.23 11.42 1.08
N VAL C 42 -14.46 11.37 2.38
CA VAL C 42 -14.13 12.47 3.28
C VAL C 42 -13.28 11.90 4.41
N ILE C 43 -12.56 12.78 5.13
CA ILE C 43 -11.74 12.33 6.25
C ILE C 43 -12.40 12.79 7.56
N LEU C 44 -12.73 11.82 8.41
CA LEU C 44 -13.35 12.11 9.71
C LEU C 44 -12.30 12.14 10.81
N THR C 45 -12.25 13.23 11.58
CA THR C 45 -11.31 13.27 12.73
C THR C 45 -12.14 13.14 14.02
N THR C 46 -11.80 12.16 14.86
CA THR C 46 -12.49 11.97 16.14
C THR C 46 -11.49 12.09 17.28
N VAL C 47 -11.99 12.22 18.50
CA VAL C 47 -11.11 12.19 19.68
C VAL C 47 -11.11 10.80 20.30
N GLY C 48 -9.94 10.19 20.45
CA GLY C 48 -9.82 8.86 21.04
C GLY C 48 -10.41 8.87 22.44
N ARG C 49 -11.40 8.02 22.69
CA ARG C 49 -12.08 8.04 23.98
C ARG C 49 -11.17 7.62 25.15
N LYS C 50 -10.12 6.86 24.86
CA LYS C 50 -9.21 6.39 25.90
C LYS C 50 -7.93 7.20 25.98
N THR C 51 -7.43 7.65 24.82
CA THR C 51 -6.12 8.27 24.75
C THR C 51 -6.18 9.79 24.59
N GLY C 52 -7.35 10.29 24.20
CA GLY C 52 -7.49 11.70 23.88
C GLY C 52 -6.73 12.10 22.61
N ALA C 53 -6.15 11.13 21.91
CA ALA C 53 -5.46 11.42 20.65
C ALA C 53 -6.46 11.81 19.56
N LEU C 54 -5.98 12.53 18.54
CA LEU C 54 -6.84 12.73 17.38
C LEU C 54 -6.72 11.51 16.48
N ARG C 55 -7.84 11.04 15.95
CA ARG C 55 -7.87 9.86 15.12
C ARG C 55 -8.51 10.22 13.81
N LYS C 56 -7.93 9.72 12.72
CA LYS C 56 -8.39 10.11 11.39
C LYS C 56 -8.70 8.91 10.54
N THR C 57 -9.87 8.96 9.91
CA THR C 57 -10.50 7.79 9.32
C THR C 57 -11.16 8.21 8.00
N PRO C 58 -10.74 7.63 6.85
CA PRO C 58 -11.51 7.86 5.62
C PRO C 58 -12.86 7.12 5.66
N VAL C 59 -13.93 7.76 5.18
CA VAL C 59 -15.24 7.11 5.08
C VAL C 59 -15.89 7.62 3.80
N MET C 60 -16.92 6.92 3.30
CA MET C 60 -17.59 7.35 2.09
C MET C 60 -18.27 8.71 2.36
N ARG C 61 -18.23 9.60 1.37
CA ARG C 61 -18.97 10.87 1.44
C ARG C 61 -20.46 10.65 1.17
N VAL C 62 -21.29 10.90 2.17
CA VAL C 62 -22.74 10.85 2.01
C VAL C 62 -23.27 12.23 2.44
N GLU C 63 -23.63 13.08 1.47
CA GLU C 63 -23.88 14.49 1.79
C GLU C 63 -25.22 14.99 1.25
N HIS C 64 -25.89 15.82 2.03
CA HIS C 64 -27.13 16.46 1.59
C HIS C 64 -27.39 17.73 2.42
N ASP C 65 -27.65 18.84 1.73
CA ASP C 65 -27.97 20.09 2.40
C ASP C 65 -26.88 20.48 3.39
N GLY C 66 -25.64 20.12 3.10
CA GLY C 66 -24.53 20.52 3.96
C GLY C 66 -24.38 19.65 5.21
N ARG C 67 -25.16 18.59 5.30
CA ARG C 67 -24.99 17.63 6.39
C ARG C 67 -24.34 16.38 5.82
N TYR C 68 -23.58 15.67 6.66
CA TYR C 68 -22.96 14.42 6.21
C TYR C 68 -23.41 13.27 7.09
N ALA C 69 -23.73 12.15 6.48
CA ALA C 69 -23.90 10.94 7.28
C ALA C 69 -22.64 10.11 7.19
N VAL C 70 -22.26 9.51 8.30
CA VAL C 70 -21.15 8.58 8.29
C VAL C 70 -21.67 7.23 8.74
N VAL C 71 -21.20 6.19 8.08
CA VAL C 71 -21.73 4.84 8.28
C VAL C 71 -20.62 3.99 8.87
N ALA C 72 -20.88 3.44 10.04
CA ALA C 72 -19.87 2.71 10.79
C ALA C 72 -19.94 1.24 10.41
N SER C 73 -19.61 0.94 9.16
CA SER C 73 -19.78 -0.41 8.63
C SER C 73 -18.54 -1.28 8.79
N GLN C 74 -17.38 -0.63 8.83
CA GLN C 74 -16.05 -1.27 8.64
C GLN C 74 -16.05 -2.57 7.83
N GLY C 75 -16.51 -2.48 6.59
CA GLY C 75 -16.45 -3.59 5.66
C GLY C 75 -17.39 -4.75 5.98
N GLY C 76 -18.37 -4.50 6.84
CA GLY C 76 -19.33 -5.53 7.22
C GLY C 76 -18.97 -6.28 8.48
N ALA C 77 -17.97 -5.79 9.20
CA ALA C 77 -17.54 -6.42 10.45
C ALA C 77 -18.69 -6.66 11.44
N PRO C 78 -18.54 -7.66 12.31
CA PRO C 78 -19.52 -7.98 13.34
C PRO C 78 -19.52 -6.95 14.46
N THR C 79 -18.46 -6.15 14.54
CA THR C 79 -18.29 -5.18 15.63
C THR C 79 -18.17 -3.75 15.10
N HIS C 80 -18.40 -2.78 15.99
CA HIS C 80 -18.25 -1.38 15.63
C HIS C 80 -16.80 -0.96 15.55
N PRO C 81 -16.46 -0.05 14.61
CA PRO C 81 -15.12 0.53 14.53
C PRO C 81 -14.84 1.44 15.73
N ALA C 82 -13.56 1.62 16.05
CA ALA C 82 -13.15 2.46 17.19
C ALA C 82 -13.66 3.90 17.09
N TRP C 83 -13.65 4.47 15.89
CA TRP C 83 -14.12 5.85 15.74
C TRP C 83 -15.60 6.04 16.10
N TYR C 84 -16.39 4.98 15.95
CA TYR C 84 -17.78 5.04 16.41
C TYR C 84 -17.86 5.20 17.94
N PHE C 85 -17.11 4.38 18.67
CA PHE C 85 -17.05 4.54 20.12
C PHE C 85 -16.53 5.93 20.50
N ASN C 86 -15.61 6.47 19.71
CA ASN C 86 -15.12 7.81 19.97
C ASN C 86 -16.26 8.83 19.91
N LEU C 87 -17.09 8.73 18.88
CA LEU C 87 -18.19 9.68 18.69
C LEU C 87 -19.25 9.55 19.77
N VAL C 88 -19.49 8.32 20.22
CA VAL C 88 -20.43 8.08 21.31
C VAL C 88 -19.94 8.79 22.57
N ALA C 89 -18.63 8.70 22.83
CA ALA C 89 -18.04 9.29 24.04
C ALA C 89 -17.85 10.82 23.98
N ASP C 90 -17.75 11.35 22.77
CA ASP C 90 -17.58 12.79 22.52
C ASP C 90 -17.96 13.06 21.07
N PRO C 91 -19.16 13.61 20.84
CA PRO C 91 -19.70 13.73 19.47
C PRO C 91 -19.07 14.82 18.61
N ARG C 92 -18.09 15.54 19.13
CA ARG C 92 -17.42 16.56 18.33
C ARG C 92 -16.45 15.88 17.38
N ALA C 93 -16.43 16.34 16.14
CA ALA C 93 -15.54 15.76 15.16
C ALA C 93 -15.16 16.82 14.17
N GLN C 94 -14.14 16.54 13.36
CA GLN C 94 -13.89 17.34 12.20
C GLN C 94 -14.08 16.51 10.95
N LEU C 95 -14.62 17.14 9.93
CA LEU C 95 -14.84 16.47 8.66
C LEU C 95 -14.11 17.27 7.59
N ARG C 96 -13.18 16.64 6.91
CA ARG C 96 -12.47 17.23 5.78
C ARG C 96 -13.13 16.76 4.47
N ASP C 97 -13.66 17.72 3.73
CA ASP C 97 -14.23 17.47 2.40
C ASP C 97 -13.44 18.28 1.40
N LYS C 98 -12.52 17.61 0.72
CA LYS C 98 -11.55 18.26 -0.16
C LYS C 98 -10.75 19.31 0.61
N ASP C 99 -10.96 20.58 0.29
CA ASP C 99 -10.21 21.63 0.95
C ASP C 99 -10.92 22.16 2.19
N ALA C 100 -12.22 21.90 2.30
CA ALA C 100 -12.99 22.37 3.45
C ALA C 100 -12.80 21.52 4.70
N VAL C 101 -12.58 22.21 5.83
CA VAL C 101 -12.46 21.56 7.13
C VAL C 101 -13.59 22.05 8.01
N LEU C 102 -14.48 21.13 8.39
CA LEU C 102 -15.72 21.48 9.09
C LEU C 102 -15.73 20.94 10.50
N SER C 103 -16.00 21.79 11.49
CA SER C 103 -16.26 21.32 12.85
C SER C 103 -17.70 20.89 12.96
N VAL C 104 -17.92 19.65 13.36
CA VAL C 104 -19.28 19.11 13.34
C VAL C 104 -19.61 18.41 14.64
N VAL C 105 -20.90 18.14 14.85
CA VAL C 105 -21.32 17.36 16.00
C VAL C 105 -22.15 16.18 15.50
N ALA C 106 -21.84 14.98 15.99
CA ALA C 106 -22.48 13.76 15.52
C ALA C 106 -23.70 13.41 16.34
N ARG C 107 -24.70 12.87 15.65
CA ARG C 107 -25.89 12.38 16.32
C ARG C 107 -26.27 11.05 15.65
N GLU C 108 -26.35 9.97 16.42
CA GLU C 108 -26.70 8.66 15.87
C GLU C 108 -28.16 8.66 15.47
N LEU C 109 -28.46 8.11 14.30
CA LEU C 109 -29.82 8.20 13.76
C LEU C 109 -30.66 6.97 14.04
N ALA C 110 -31.95 7.20 14.18
CA ALA C 110 -32.92 6.11 14.33
C ALA C 110 -34.22 6.47 13.60
N GLY C 111 -35.10 5.48 13.48
CA GLY C 111 -36.43 5.70 12.93
C GLY C 111 -36.43 6.16 11.48
N PRO C 112 -37.45 6.94 11.10
CA PRO C 112 -37.62 7.44 9.74
C PRO C 112 -36.44 8.27 9.29
N GLU C 113 -35.82 9.02 10.20
CA GLU C 113 -34.66 9.80 9.81
C GLU C 113 -33.49 8.90 9.38
N ARG C 114 -33.25 7.84 10.16
CA ARG C 114 -32.21 6.89 9.77
C ARG C 114 -32.55 6.31 8.40
N ALA C 115 -33.80 5.90 8.21
CA ALA C 115 -34.21 5.30 6.94
C ALA C 115 -33.87 6.21 5.77
N GLU C 116 -34.17 7.49 5.92
CA GLU C 116 -33.88 8.46 4.88
C GLU C 116 -32.37 8.53 4.56
N TRP C 117 -31.55 8.63 5.59
CA TRP C 117 -30.12 8.69 5.37
C TRP C 117 -29.50 7.37 4.92
N TRP C 118 -30.11 6.25 5.33
CA TRP C 118 -29.67 4.96 4.84
C TRP C 118 -29.89 4.85 3.34
N GLU C 119 -31.06 5.27 2.85
CA GLU C 119 -31.28 5.26 1.41
C GLU C 119 -30.27 6.13 0.71
N ARG C 120 -29.96 7.29 1.29
CA ARG C 120 -28.99 8.19 0.66
C ARG C 120 -27.61 7.56 0.61
N ALA C 121 -27.22 6.92 1.71
CA ALA C 121 -25.94 6.22 1.78
C ALA C 121 -25.83 5.12 0.74
N VAL C 122 -26.90 4.33 0.62
CA VAL C 122 -26.90 3.23 -0.34
C VAL C 122 -26.91 3.74 -1.78
N ARG C 123 -27.56 4.88 -2.02
CA ARG C 123 -27.44 5.52 -3.34
C ARG C 123 -26.00 5.93 -3.64
N ALA C 124 -25.31 6.45 -2.62
CA ALA C 124 -23.92 6.88 -2.77
C ALA C 124 -22.92 5.71 -2.91
N TYR C 125 -23.19 4.60 -2.22
CA TYR C 125 -22.28 3.46 -2.17
C TYR C 125 -23.10 2.20 -1.97
N PRO C 126 -23.54 1.58 -3.07
CA PRO C 126 -24.52 0.48 -2.98
C PRO C 126 -24.02 -0.70 -2.15
N THR C 127 -22.71 -0.85 -2.02
CA THR C 127 -22.13 -1.93 -1.23
C THR C 127 -22.51 -1.86 0.25
N TYR C 128 -22.91 -0.68 0.72
CA TYR C 128 -23.40 -0.57 2.09
C TYR C 128 -24.54 -1.57 2.33
N GLN C 129 -25.39 -1.78 1.32
CA GLN C 129 -26.54 -2.68 1.51
C GLN C 129 -26.08 -4.12 1.66
N GLU C 130 -25.04 -4.49 0.89
CA GLU C 130 -24.43 -5.81 1.04
C GLU C 130 -23.89 -5.99 2.46
N TYR C 131 -23.16 -4.98 2.96
CA TYR C 131 -22.66 -5.04 4.33
C TYR C 131 -23.80 -5.26 5.33
N GLN C 132 -24.87 -4.47 5.23
CA GLN C 132 -25.99 -4.68 6.14
C GLN C 132 -26.60 -6.08 6.01
N ASP C 133 -26.71 -6.59 4.79
CA ASP C 133 -27.32 -7.90 4.59
C ASP C 133 -26.52 -8.99 5.31
N ASN C 134 -25.24 -8.73 5.47
CA ASN C 134 -24.31 -9.71 6.01
C ASN C 134 -23.91 -9.43 7.46
N THR C 135 -24.68 -8.63 8.17
CA THR C 135 -24.47 -8.54 9.61
C THR C 135 -25.79 -8.44 10.36
N ARG C 136 -25.81 -9.02 11.55
CA ARG C 136 -27.02 -9.02 12.38
C ARG C 136 -27.28 -7.65 12.99
N ARG C 137 -26.21 -6.99 13.43
CA ARG C 137 -26.34 -5.68 14.05
C ARG C 137 -26.81 -4.64 13.03
N LEU C 138 -27.74 -3.78 13.44
CA LEU C 138 -28.04 -2.55 12.70
C LEU C 138 -26.76 -1.73 12.59
N ILE C 139 -26.38 -1.34 11.38
CA ILE C 139 -25.14 -0.58 11.22
C ILE C 139 -25.40 0.86 11.64
N PRO C 140 -24.54 1.40 12.52
CA PRO C 140 -24.79 2.78 12.94
C PRO C 140 -24.62 3.79 11.82
N VAL C 141 -25.60 4.69 11.72
CA VAL C 141 -25.51 5.82 10.82
C VAL C 141 -25.54 7.07 11.68
N LEU C 142 -24.48 7.86 11.60
CA LEU C 142 -24.42 9.12 12.36
C LEU C 142 -24.44 10.37 11.50
N LEU C 143 -25.28 11.32 11.88
CA LEU C 143 -25.40 12.56 11.13
C LEU C 143 -24.47 13.59 11.72
N LEU C 144 -23.64 14.17 10.87
CA LEU C 144 -22.69 15.19 11.29
C LEU C 144 -23.27 16.53 10.92
N GLU C 145 -23.60 17.32 11.93
CA GLU C 145 -24.24 18.61 11.72
C GLU C 145 -23.29 19.73 12.11
N PRO C 146 -23.38 20.87 11.41
CA PRO C 146 -22.48 22.00 11.68
C PRO C 146 -22.36 22.27 13.17
N GLY C 147 -21.13 22.42 13.64
CA GLY C 147 -20.85 22.74 15.03
C GLY C 147 -20.73 24.23 15.19
N SER D 6 37.14 24.51 12.05
CA SER D 6 36.93 23.24 11.33
C SER D 6 36.59 23.49 9.86
N THR D 7 37.04 24.63 9.34
CA THR D 7 36.58 25.11 8.03
C THR D 7 36.81 24.11 6.90
N GLY D 8 35.72 23.79 6.19
CA GLY D 8 35.78 22.94 5.02
C GLY D 8 36.05 21.47 5.33
N GLU D 9 36.10 21.13 6.62
CA GLU D 9 36.33 19.75 7.05
C GLU D 9 35.03 19.13 7.58
N TYR D 10 34.74 17.90 7.18
CA TYR D 10 33.54 17.19 7.65
C TYR D 10 33.68 16.79 9.12
N VAL D 11 32.69 17.19 9.93
CA VAL D 11 32.61 16.83 11.34
C VAL D 11 31.27 16.14 11.57
N PRO D 12 31.30 14.84 11.85
CA PRO D 12 30.06 14.06 11.95
C PRO D 12 29.16 14.54 13.08
N SER D 13 27.87 14.22 12.92
CA SER D 13 26.88 14.34 13.97
C SER D 13 27.36 13.66 15.24
N PRO D 14 27.07 14.27 16.40
CA PRO D 14 27.32 13.63 17.69
C PRO D 14 26.48 12.37 17.86
N SER D 15 25.34 12.26 17.18
CA SER D 15 24.58 11.01 17.23
C SER D 15 25.38 9.92 16.52
N GLU D 16 25.79 8.91 17.28
CA GLU D 16 26.60 7.83 16.71
C GLU D 16 25.84 7.12 15.58
N TRP D 17 24.54 6.97 15.76
CA TRP D 17 23.73 6.28 14.77
C TRP D 17 23.75 7.07 13.46
N ILE D 18 23.52 8.37 13.55
CA ILE D 18 23.52 9.20 12.34
C ILE D 18 24.90 9.20 11.67
N GLY D 19 25.95 9.39 12.47
CA GLY D 19 27.29 9.41 11.91
C GLY D 19 27.60 8.11 11.21
N ASN D 20 27.23 6.99 11.85
CA ASN D 20 27.41 5.67 11.26
C ASN D 20 26.66 5.50 9.95
N GLN D 21 25.43 6.00 9.91
CA GLN D 21 24.60 5.87 8.71
C GLN D 21 25.20 6.64 7.54
N VAL D 22 25.69 7.85 7.81
CA VAL D 22 26.36 8.64 6.76
C VAL D 22 27.60 7.88 6.25
N ALA D 23 28.39 7.36 7.17
CA ALA D 23 29.65 6.68 6.83
C ALA D 23 29.37 5.52 5.88
N GLN D 24 28.42 4.66 6.25
CA GLN D 24 28.18 3.45 5.48
C GLN D 24 27.64 3.78 4.10
N TYR D 25 26.75 4.77 4.06
CA TYR D 25 26.17 5.22 2.80
C TYR D 25 27.27 5.69 1.83
N GLU D 26 28.16 6.57 2.31
CA GLU D 26 29.20 7.11 1.45
C GLU D 26 30.18 6.05 0.98
N ALA D 27 30.51 5.11 1.88
CA ALA D 27 31.52 4.10 1.60
C ALA D 27 30.99 3.14 0.53
N SER D 28 29.67 3.11 0.39
CA SER D 28 29.00 2.13 -0.48
C SER D 28 28.18 2.72 -1.64
N ASP D 29 28.24 4.03 -1.86
CA ASP D 29 27.38 4.68 -2.84
C ASP D 29 25.92 4.33 -2.58
N GLY D 30 25.54 4.26 -1.32
CA GLY D 30 24.14 4.04 -0.97
C GLY D 30 23.69 2.59 -0.96
N ALA D 31 24.57 1.67 -1.33
CA ALA D 31 24.22 0.24 -1.31
C ALA D 31 23.99 -0.22 0.14
N GLU D 32 24.67 0.42 1.07
CA GLU D 32 24.45 0.16 2.49
C GLU D 32 23.85 1.43 3.08
N ALA D 33 22.97 1.23 4.07
CA ALA D 33 22.33 2.30 4.82
C ALA D 33 21.60 3.30 3.92
N GLY D 34 21.09 2.82 2.80
CA GLY D 34 20.50 3.70 1.81
C GLY D 34 18.99 3.84 1.88
N GLU D 35 18.38 3.23 2.89
CA GLU D 35 16.92 3.28 2.99
C GLU D 35 16.48 3.40 4.43
N PHE D 36 15.32 4.01 4.63
CA PHE D 36 14.72 4.09 5.95
C PHE D 36 13.22 3.92 5.80
N ASP D 37 12.62 3.08 6.63
CA ASP D 37 11.18 2.85 6.52
C ASP D 37 10.88 2.32 5.12
N GLY D 38 11.83 1.56 4.57
CA GLY D 38 11.68 0.95 3.25
C GLY D 38 11.84 1.90 2.09
N ARG D 39 12.24 3.15 2.39
CA ARG D 39 12.24 4.24 1.39
C ARG D 39 13.63 4.83 1.23
N PRO D 40 13.98 5.24 0.01
CA PRO D 40 15.34 5.70 -0.34
C PRO D 40 15.76 6.96 0.40
N LEU D 41 17.03 7.00 0.80
CA LEU D 41 17.61 8.18 1.44
C LEU D 41 18.62 8.88 0.53
N VAL D 42 18.91 10.15 0.84
CA VAL D 42 20.01 10.85 0.18
C VAL D 42 20.81 11.48 1.29
N ILE D 43 22.06 11.83 1.02
CA ILE D 43 22.89 12.48 2.02
C ILE D 43 23.09 13.95 1.66
N LEU D 44 22.70 14.82 2.58
CA LEU D 44 22.80 16.26 2.37
C LEU D 44 24.01 16.80 3.11
N THR D 45 24.90 17.49 2.41
CA THR D 45 26.06 18.13 3.04
C THR D 45 25.82 19.64 3.06
N THR D 46 25.92 20.25 4.23
CA THR D 46 25.70 21.69 4.38
C THR D 46 26.96 22.26 5.03
N VAL D 47 27.08 23.58 5.05
CA VAL D 47 28.17 24.26 5.76
C VAL D 47 27.70 24.78 7.10
N GLY D 48 28.39 24.44 8.18
CA GLY D 48 28.02 24.91 9.50
C GLY D 48 28.07 26.43 9.56
N ARG D 49 26.95 27.07 9.89
CA ARG D 49 26.93 28.53 9.85
C ARG D 49 27.74 29.16 11.00
N LYS D 50 27.96 28.39 12.06
CA LYS D 50 28.85 28.83 13.14
C LYS D 50 30.31 28.35 13.00
N THR D 51 30.49 27.08 12.65
CA THR D 51 31.81 26.46 12.69
C THR D 51 32.52 26.44 11.35
N GLY D 52 31.76 26.55 10.26
CA GLY D 52 32.35 26.46 8.94
C GLY D 52 32.62 25.02 8.55
N ALA D 53 32.33 24.10 9.46
CA ALA D 53 32.53 22.67 9.18
C ALA D 53 31.54 22.17 8.12
N LEU D 54 31.91 21.13 7.39
CA LEU D 54 30.92 20.45 6.56
C LEU D 54 30.11 19.53 7.47
N ARG D 55 28.79 19.52 7.30
CA ARG D 55 27.91 18.66 8.11
C ARG D 55 27.14 17.77 7.17
N LYS D 56 26.91 16.51 7.59
CA LYS D 56 26.25 15.55 6.71
C LYS D 56 25.05 14.89 7.41
N THR D 57 23.96 14.83 6.67
CA THR D 57 22.66 14.52 7.25
C THR D 57 21.88 13.65 6.27
N PRO D 58 21.48 12.43 6.71
CA PRO D 58 20.58 11.66 5.85
C PRO D 58 19.17 12.28 5.91
N VAL D 59 18.48 12.31 4.77
CA VAL D 59 17.10 12.77 4.73
C VAL D 59 16.37 11.95 3.67
N MET D 60 15.04 11.96 3.66
CA MET D 60 14.32 11.18 2.67
C MET D 60 14.58 11.74 1.28
N ARG D 61 14.68 10.85 0.29
CA ARG D 61 14.82 11.25 -1.11
C ARG D 61 13.45 11.67 -1.62
N VAL D 62 13.34 12.91 -2.09
CA VAL D 62 12.13 13.44 -2.73
C VAL D 62 12.59 14.12 -4.02
N GLU D 63 12.35 13.46 -5.15
CA GLU D 63 13.03 13.84 -6.39
C GLU D 63 12.06 14.00 -7.56
N HIS D 64 12.37 14.96 -8.43
CA HIS D 64 11.64 15.16 -9.69
C HIS D 64 12.43 16.10 -10.61
N ASP D 65 12.66 15.71 -11.86
CA ASP D 65 13.43 16.52 -12.81
C ASP D 65 14.77 17.01 -12.23
N GLY D 66 15.48 16.12 -11.54
CA GLY D 66 16.80 16.42 -11.07
C GLY D 66 16.84 17.44 -9.94
N ARG D 67 15.66 17.83 -9.47
CA ARG D 67 15.54 18.67 -8.29
C ARG D 67 15.19 17.77 -7.10
N TYR D 68 15.66 18.16 -5.92
CA TYR D 68 15.38 17.40 -4.71
C TYR D 68 14.77 18.34 -3.72
N ALA D 69 13.68 17.91 -3.10
CA ALA D 69 13.21 18.66 -1.95
C ALA D 69 13.69 17.97 -0.69
N VAL D 70 14.09 18.77 0.29
CA VAL D 70 14.40 18.28 1.62
C VAL D 70 13.42 18.90 2.60
N VAL D 71 12.96 18.08 3.54
CA VAL D 71 11.95 18.50 4.51
C VAL D 71 12.58 18.52 5.90
N ALA D 72 12.55 19.69 6.52
CA ALA D 72 13.23 19.88 7.80
C ALA D 72 12.30 19.54 8.95
N SER D 73 12.05 18.25 9.13
CA SER D 73 11.05 17.80 10.08
C SER D 73 11.66 17.13 11.31
N GLN D 74 12.94 16.79 11.21
CA GLN D 74 13.62 15.93 12.19
C GLN D 74 12.68 15.14 13.14
N GLY D 75 11.92 14.22 12.55
CA GLY D 75 11.08 13.31 13.29
C GLY D 75 9.95 13.96 14.08
N GLY D 76 9.50 15.13 13.63
CA GLY D 76 8.38 15.79 14.27
C GLY D 76 8.73 16.53 15.55
N ALA D 77 10.02 16.82 15.74
CA ALA D 77 10.45 17.65 16.87
C ALA D 77 9.99 19.09 16.67
N PRO D 78 9.78 19.82 17.77
CA PRO D 78 9.30 21.21 17.72
C PRO D 78 10.27 22.18 17.02
N THR D 79 11.57 21.89 17.09
CA THR D 79 12.57 22.85 16.61
C THR D 79 13.17 22.47 15.24
N HIS D 80 13.64 23.48 14.51
CA HIS D 80 14.31 23.24 13.23
C HIS D 80 15.67 22.60 13.43
N PRO D 81 16.04 21.64 12.55
CA PRO D 81 17.36 21.01 12.64
C PRO D 81 18.48 21.98 12.34
N ALA D 82 19.68 21.68 12.81
CA ALA D 82 20.85 22.51 12.55
C ALA D 82 21.08 22.74 11.05
N TRP D 83 20.89 21.69 10.26
CA TRP D 83 21.12 21.82 8.81
C TRP D 83 20.21 22.84 8.13
N TYR D 84 19.01 23.03 8.67
CA TYR D 84 18.15 24.07 8.15
C TYR D 84 18.79 25.46 8.33
N PHE D 85 19.21 25.76 9.56
CA PHE D 85 19.87 27.03 9.81
C PHE D 85 21.10 27.19 8.92
N ASN D 86 21.86 26.11 8.73
CA ASN D 86 23.00 26.13 7.82
C ASN D 86 22.61 26.59 6.41
N LEU D 87 21.54 26.01 5.87
CA LEU D 87 21.07 26.37 4.54
C LEU D 87 20.58 27.82 4.42
N VAL D 88 19.95 28.31 5.47
CA VAL D 88 19.49 29.69 5.49
C VAL D 88 20.65 30.67 5.28
N ALA D 89 21.74 30.45 6.02
CA ALA D 89 22.94 31.30 5.96
C ALA D 89 23.72 31.14 4.64
N ASP D 90 23.78 29.92 4.14
CA ASP D 90 24.47 29.65 2.88
C ASP D 90 23.80 28.48 2.20
N PRO D 91 22.94 28.78 1.22
CA PRO D 91 22.16 27.73 0.55
C PRO D 91 22.96 26.81 -0.37
N ARG D 92 24.26 27.04 -0.57
CA ARG D 92 25.04 26.10 -1.37
C ARG D 92 25.28 24.81 -0.56
N ALA D 93 25.02 23.67 -1.18
CA ALA D 93 25.07 22.39 -0.48
C ALA D 93 25.42 21.28 -1.45
N GLN D 94 25.69 20.09 -0.92
CA GLN D 94 25.93 18.92 -1.75
C GLN D 94 24.87 17.90 -1.44
N LEU D 95 24.39 17.23 -2.47
CA LEU D 95 23.37 16.22 -2.30
C LEU D 95 23.90 14.95 -2.92
N ARG D 96 24.10 13.94 -2.09
CA ARG D 96 24.55 12.66 -2.59
C ARG D 96 23.35 11.74 -2.80
N ASP D 97 23.15 11.28 -4.03
CA ASP D 97 22.12 10.27 -4.31
C ASP D 97 22.79 9.06 -4.90
N LYS D 98 22.91 8.01 -4.09
CA LYS D 98 23.66 6.82 -4.45
C LYS D 98 25.10 7.20 -4.88
N ASP D 99 25.42 7.00 -6.16
CA ASP D 99 26.76 7.30 -6.65
C ASP D 99 26.92 8.75 -7.11
N ALA D 100 25.80 9.42 -7.38
CA ALA D 100 25.84 10.79 -7.87
C ALA D 100 26.03 11.79 -6.73
N VAL D 101 27.01 12.68 -6.89
CA VAL D 101 27.22 13.79 -5.97
C VAL D 101 26.98 15.10 -6.70
N LEU D 102 25.94 15.81 -6.27
CA LEU D 102 25.43 16.98 -6.94
C LEU D 102 25.68 18.24 -6.12
N SER D 103 26.20 19.27 -6.79
CA SER D 103 26.35 20.58 -6.18
C SER D 103 25.06 21.37 -6.41
N VAL D 104 24.42 21.82 -5.33
CA VAL D 104 23.08 22.42 -5.41
C VAL D 104 22.99 23.73 -4.61
N VAL D 105 21.95 24.53 -4.87
CA VAL D 105 21.62 25.70 -4.06
C VAL D 105 20.20 25.58 -3.52
N ALA D 106 20.02 25.70 -2.20
CA ALA D 106 18.69 25.53 -1.60
C ALA D 106 17.81 26.78 -1.73
N ARG D 107 16.51 26.57 -1.87
CA ARG D 107 15.53 27.65 -1.92
C ARG D 107 14.29 27.22 -1.12
N GLU D 108 14.00 27.92 -0.03
CA GLU D 108 12.84 27.56 0.80
C GLU D 108 11.56 27.93 0.04
N LEU D 109 10.61 27.01 0.03
CA LEU D 109 9.42 27.12 -0.82
C LEU D 109 8.22 27.69 -0.06
N ALA D 110 7.34 28.36 -0.80
CA ALA D 110 6.06 28.86 -0.28
C ALA D 110 5.04 28.82 -1.41
N GLY D 111 3.77 29.05 -1.07
CA GLY D 111 2.72 29.07 -2.06
C GLY D 111 2.53 27.78 -2.83
N PRO D 112 1.97 27.88 -4.04
CA PRO D 112 1.64 26.72 -4.89
C PRO D 112 2.85 25.83 -5.17
N GLU D 113 4.02 26.44 -5.33
CA GLU D 113 5.24 25.65 -5.54
C GLU D 113 5.50 24.74 -4.33
N ARG D 114 5.39 25.30 -3.12
CA ARG D 114 5.56 24.48 -1.92
C ARG D 114 4.50 23.39 -1.90
N ALA D 115 3.26 23.74 -2.24
CA ALA D 115 2.18 22.76 -2.23
C ALA D 115 2.47 21.55 -3.14
N GLU D 116 3.04 21.81 -4.31
CA GLU D 116 3.38 20.75 -5.26
C GLU D 116 4.48 19.83 -4.69
N TRP D 117 5.51 20.44 -4.10
CA TRP D 117 6.59 19.61 -3.57
C TRP D 117 6.20 18.93 -2.26
N TRP D 118 5.28 19.55 -1.53
CA TRP D 118 4.78 18.92 -0.31
C TRP D 118 3.99 17.64 -0.67
N GLU D 119 3.20 17.68 -1.74
CA GLU D 119 2.52 16.48 -2.20
C GLU D 119 3.53 15.41 -2.59
N ARG D 120 4.61 15.81 -3.25
CA ARG D 120 5.60 14.84 -3.65
C ARG D 120 6.28 14.21 -2.43
N ALA D 121 6.60 15.06 -1.45
CA ALA D 121 7.23 14.62 -0.21
C ALA D 121 6.35 13.60 0.50
N VAL D 122 5.07 13.92 0.62
CA VAL D 122 4.14 13.02 1.33
C VAL D 122 3.94 11.71 0.55
N ARG D 123 3.90 11.79 -0.78
CA ARG D 123 3.88 10.57 -1.57
C ARG D 123 5.07 9.70 -1.21
N ALA D 124 6.24 10.32 -1.09
CA ALA D 124 7.49 9.59 -0.83
C ALA D 124 7.55 9.03 0.59
N TYR D 125 7.02 9.79 1.54
CA TYR D 125 7.13 9.47 2.96
C TYR D 125 5.90 10.02 3.66
N PRO D 126 4.84 9.21 3.76
CA PRO D 126 3.54 9.68 4.26
C PRO D 126 3.62 10.21 5.68
N THR D 127 4.59 9.71 6.45
CA THR D 127 4.77 10.18 7.82
C THR D 127 4.96 11.69 7.91
N TYR D 128 5.44 12.30 6.83
CA TYR D 128 5.58 13.76 6.82
C TYR D 128 4.24 14.44 7.15
N GLN D 129 3.13 13.88 6.66
CA GLN D 129 1.82 14.52 6.90
C GLN D 129 1.43 14.46 8.39
N GLU D 130 1.72 13.35 9.04
CA GLU D 130 1.56 13.23 10.50
C GLU D 130 2.34 14.33 11.23
N TYR D 131 3.61 14.48 10.89
CA TYR D 131 4.41 15.55 11.49
C TYR D 131 3.74 16.92 11.34
N GLN D 132 3.32 17.26 10.12
CA GLN D 132 2.74 18.58 9.90
C GLN D 132 1.46 18.76 10.70
N ASP D 133 0.66 17.70 10.79
CA ASP D 133 -0.61 17.76 11.49
C ASP D 133 -0.39 18.05 12.97
N ASN D 134 0.79 17.71 13.47
CA ASN D 134 1.10 17.80 14.88
C ASN D 134 1.99 19.00 15.23
N THR D 135 2.08 19.95 14.32
CA THR D 135 2.76 21.20 14.64
C THR D 135 2.04 22.38 14.03
N ARG D 136 1.95 23.46 14.80
CA ARG D 136 1.22 24.65 14.38
C ARG D 136 1.99 25.40 13.30
N ARG D 137 3.30 25.21 13.25
CA ARG D 137 4.12 25.92 12.28
C ARG D 137 4.37 25.11 11.01
N LEU D 138 4.35 25.80 9.88
CA LEU D 138 4.60 25.20 8.58
C LEU D 138 6.00 24.59 8.53
N ILE D 139 6.09 23.30 8.25
CA ILE D 139 7.39 22.64 8.18
C ILE D 139 8.17 23.10 6.95
N PRO D 140 9.46 23.46 7.13
CA PRO D 140 10.20 23.98 5.98
C PRO D 140 10.47 22.93 4.91
N VAL D 141 10.12 23.26 3.66
CA VAL D 141 10.46 22.46 2.49
C VAL D 141 11.43 23.27 1.62
N LEU D 142 12.64 22.76 1.41
CA LEU D 142 13.60 23.50 0.61
C LEU D 142 13.90 22.75 -0.66
N LEU D 143 13.84 23.46 -1.77
CA LEU D 143 14.11 22.84 -3.05
C LEU D 143 15.59 22.96 -3.36
N LEU D 144 16.22 21.84 -3.74
CA LEU D 144 17.65 21.83 -4.04
C LEU D 144 17.84 21.90 -5.53
N GLU D 145 18.34 23.04 -6.01
CA GLU D 145 18.43 23.28 -7.44
C GLU D 145 19.87 23.29 -7.90
N PRO D 146 20.10 22.86 -9.14
CA PRO D 146 21.42 22.77 -9.76
C PRO D 146 22.24 24.05 -9.57
N GLY D 147 23.50 23.89 -9.20
CA GLY D 147 24.42 25.01 -9.10
C GLY D 147 24.87 25.45 -10.49
N1 F42 E . -6.97 -3.20 -29.24
C2 F42 E . -6.50 -2.89 -28.02
O2 F42 E . -7.08 -2.00 -27.38
N3 F42 E . -5.44 -3.52 -27.48
C4 F42 E . -4.75 -4.47 -28.13
O4 F42 E . -3.79 -5.04 -27.59
C4A F42 E . -5.20 -4.87 -29.48
C5 F42 E . -4.59 -5.86 -30.24
C5A F42 E . -5.14 -6.17 -31.51
C6 F42 E . -4.54 -7.15 -32.29
C7 F42 E . -5.07 -7.48 -33.53
C8 F42 E . -6.19 -6.80 -34.00
O8M F42 E . -6.72 -7.11 -35.21
C9 F42 E . -6.79 -5.81 -33.23
C9A F42 E . -6.27 -5.49 -31.99
N10 F42 E . -6.90 -4.48 -31.23
C10 F42 E . -6.40 -4.17 -29.97
C1' F42 E . -8.07 -3.72 -31.67
C2' F42 E . -9.31 -4.26 -30.96
O2' F42 E . -9.57 -5.55 -31.50
C3' F42 E . -10.54 -3.38 -31.13
O3' F42 E . -10.85 -3.22 -32.53
C4' F42 E . -10.31 -1.98 -30.59
O4' F42 E . -9.70 -2.08 -29.30
C5' F42 E . -11.60 -1.17 -30.43
O5' F42 E . -12.54 -1.96 -29.71
P F42 E . -14.07 -1.51 -29.62
O1P F42 E . -14.72 -2.34 -28.60
O2P F42 E . -14.20 0.06 -29.37
O3P F42 E . -14.59 -1.79 -31.13
C1I F42 E . -15.48 -0.84 -31.74
C2I F42 E . -14.92 -0.46 -33.11
C3I F42 E . -16.82 -1.48 -31.90
O3I F42 E . -16.93 -2.69 -32.11
N1H F42 E . -17.87 -0.68 -31.81
C1H F42 E . -19.23 -1.20 -31.88
C2H F42 E . -20.03 -0.32 -32.80
O2U F42 E . -21.15 -0.81 -33.34
O2T F42 E . -19.69 0.83 -33.05
C3H F42 E . -19.92 -1.30 -30.51
C4H F42 E . -19.16 -2.26 -29.59
C5H F42 E . -19.73 -2.40 -28.21
O5H F42 E . -19.16 -3.11 -27.39
N1G F42 E . -20.86 -1.74 -27.93
C1G F42 E . -21.46 -1.88 -26.62
C2G F42 E . -22.72 -2.70 -26.67
O2V F42 E . -23.59 -2.59 -25.67
O2W F42 E . -22.96 -3.49 -27.58
C3G F42 E . -21.69 -0.51 -25.97
C4G F42 E . -20.36 0.22 -25.77
C5G F42 E . -20.52 1.60 -25.13
O6G F42 E . -21.16 1.73 -23.99
O7G F42 E . -20.06 2.59 -25.65
N1 F42 F . 8.83 -22.54 8.76
C2 F42 F . 9.77 -21.58 8.94
O2 F42 F . 10.02 -20.84 7.98
N3 F42 F . 10.38 -21.38 10.13
C4 F42 F . 10.14 -22.14 11.22
O4 F42 F . 10.71 -21.96 12.32
C4A F42 F . 9.15 -23.22 11.08
C5 F42 F . 8.82 -24.07 12.12
C5A F42 F . 7.86 -25.06 11.90
C6 F42 F . 7.51 -25.92 12.93
C7 F42 F . 6.55 -26.91 12.76
C8 F42 F . 5.93 -27.01 11.51
O8M F42 F . 4.99 -27.95 11.31
C9 F42 F . 6.28 -26.16 10.48
C9A F42 F . 7.24 -25.19 10.66
N10 F42 F . 7.56 -24.35 9.58
C10 F42 F . 8.51 -23.36 9.77
C1' F42 F . 6.94 -24.48 8.26
C2' F42 F . 5.97 -23.32 8.18
O2' F42 F . 4.89 -23.57 9.09
C3' F42 F . 5.45 -23.10 6.75
O3' F42 F . 4.78 -24.28 6.30
C4' F42 F . 6.59 -22.74 5.79
O4' F42 F . 7.39 -21.70 6.35
C5' F42 F . 6.06 -22.23 4.46
O5' F42 F . 5.11 -21.20 4.74
P F42 F . 4.23 -20.59 3.52
O1P F42 F . 3.64 -19.29 3.99
O2P F42 F . 5.17 -20.38 2.25
O3P F42 F . 3.11 -21.73 3.30
C1I F42 F . 2.78 -22.15 1.99
C2I F42 F . 2.96 -23.66 1.82
C3I F42 F . 1.35 -21.78 1.75
O3I F42 F . 0.51 -21.93 2.63
N1H F42 F . 1.09 -21.30 0.54
C1H F42 F . -0.25 -20.87 0.18
C2H F42 F . -0.68 -21.52 -1.11
O2U F42 F . -1.97 -21.61 -1.38
O2T F42 F . 0.15 -21.95 -1.90
C3H F42 F . -0.27 -19.34 0.04
C4H F42 F . -0.09 -18.69 1.40
C5H F42 F . -0.06 -17.18 1.35
O5H F42 F . 0.22 -16.56 2.37
N1G F42 F . -0.35 -16.55 0.21
C1G F42 F . -0.34 -15.11 0.16
C2G F42 F . -1.77 -14.62 0.10
O2V F42 F . -2.06 -13.44 -0.43
O2W F42 F . -2.70 -15.30 0.52
C3G F42 F . 0.51 -14.58 -1.00
C4G F42 F . 1.99 -14.95 -0.87
C5G F42 F . 2.86 -14.26 -1.92
O6G F42 F . 2.56 -13.08 -2.39
O7G F42 F . 3.89 -14.78 -2.35
N1 F42 G . -15.00 2.48 7.23
C2 F42 G . -16.31 2.57 7.52
O2 F42 G . -16.70 2.12 8.63
N3 F42 G . -17.19 3.14 6.67
C4 F42 G . -16.83 3.65 5.47
O4 F42 G . -17.65 4.17 4.70
C4A F42 G . -15.42 3.56 5.08
C5 F42 G . -14.93 4.03 3.87
C5A F42 G . -13.56 3.92 3.62
C6 F42 G . -13.04 4.40 2.41
C7 F42 G . -11.67 4.32 2.17
C8 F42 G . -10.82 3.74 3.12
O8M F42 G . -9.49 3.64 2.92
C9 F42 G . -11.34 3.26 4.32
C9A F42 G . -12.69 3.35 4.56
N10 F42 G . -13.16 2.85 5.78
C10 F42 G . -14.53 2.96 6.07
C1' F42 G . -12.30 2.23 6.81
C2' F42 G . -12.06 3.24 7.92
O2' F42 G . -11.11 4.21 7.46
C3' F42 G . -11.46 2.56 9.14
O3' F42 G . -10.20 1.96 8.75
C4' F42 G . -12.38 1.48 9.74
O4' F42 G . -13.72 1.96 9.89
C5' F42 G . -11.89 0.98 11.10
O5' F42 G . -11.82 2.11 11.96
P F42 G . -11.12 1.99 13.41
O1P F42 G . -11.33 3.28 14.13
O2P F42 G . -11.77 0.76 14.18
O3P F42 G . -9.58 1.77 13.04
C1I F42 G . -8.78 0.93 13.90
C2I F42 G . -8.03 -0.12 13.08
C3I F42 G . -7.78 1.77 14.66
O3I F42 G . -7.29 2.76 14.17
N1H F42 G . -7.49 1.35 15.89
C1H F42 G . -6.50 2.01 16.73
C2H F42 G . -5.59 0.98 17.34
O2U F42 G . -5.90 -0.31 17.24
O2T F42 G . -4.57 1.31 17.91
C3H F42 G . -7.18 2.78 17.85
C4H F42 G . -8.02 3.93 17.26
C5H F42 G . -8.86 4.60 18.32
O5H F42 G . -9.70 5.43 17.98
N1G F42 G . -8.66 4.26 19.59
C1G F42 G . -9.36 4.98 20.66
C2G F42 G . -8.43 5.90 21.39
O2V F42 G . -8.74 6.30 22.62
O2W F42 G . -7.41 6.33 20.87
C3G F42 G . -10.02 4.01 21.65
C4G F42 G . -11.05 3.16 20.91
C5G F42 G . -11.78 2.19 21.81
O6G F42 G . -12.31 2.63 22.97
O7G F42 G . -11.93 1.02 21.51
N1 F42 H . 15.68 14.62 9.30
C2 F42 H . 14.81 15.45 8.66
O2 F42 H . 14.68 16.61 9.10
N3 F42 H . 14.11 15.08 7.55
C4 F42 H . 14.20 13.85 7.04
O4 F42 H . 13.56 13.47 6.02
C4A F42 H . 15.10 12.88 7.70
C5 F42 H . 15.26 11.59 7.23
C5A F42 H . 16.13 10.72 7.88
C6 F42 H . 16.28 9.42 7.39
C7 F42 H . 17.16 8.54 8.00
C8 F42 H . 17.88 8.97 9.13
O8M F42 H . 18.76 8.13 9.74
C9 F42 H . 17.75 10.27 9.61
C9A F42 H . 16.87 11.15 8.99
N10 F42 H . 16.72 12.46 9.50
C10 F42 H . 15.85 13.36 8.87
C1' F42 H . 17.48 12.91 10.68
C2' F42 H . 18.61 13.81 10.19
O2' F42 H . 19.67 12.99 9.65
C3' F42 H . 19.16 14.66 11.31
O3' F42 H . 19.74 13.76 12.29
C4' F42 H . 18.10 15.55 11.97
O4' F42 H . 17.38 16.30 10.97
C5' F42 H . 18.74 16.54 12.91
O5' F42 H . 19.75 17.23 12.17
P F42 H . 20.76 18.26 12.86
O1P F42 H . 21.43 19.06 11.80
O2P F42 H . 20.03 19.18 13.94
O3P F42 H . 21.78 17.26 13.62
C1I F42 H . 22.19 17.66 14.94
C2I F42 H . 21.84 16.55 15.93
C3I F42 H . 23.66 17.87 14.94
O3I F42 H . 24.38 17.16 14.27
N1H F42 H . 24.09 18.88 15.70
C1H F42 H . 25.50 19.25 15.80
C2H F42 H . 25.94 19.34 17.24
O2U F42 H . 25.04 19.32 18.22
O2T F42 H . 27.12 19.44 17.54
C3H F42 H . 25.76 20.58 15.09
C4H F42 H . 25.50 20.48 13.58
C5H F42 H . 25.56 21.82 12.90
O5H F42 H . 25.25 21.93 11.73
N1G F42 H . 25.97 22.88 13.60
C1G F42 H . 26.23 24.13 12.91
C2G F42 H . 27.70 24.39 12.76
O2V F42 H . 28.15 25.64 12.60
O2W F42 H . 28.52 23.48 12.77
C3G F42 H . 25.55 25.28 13.65
C4G F42 H . 24.05 25.06 13.74
C5G F42 H . 23.39 26.24 14.40
O6G F42 H . 23.49 27.45 13.86
O7G F42 H . 22.74 26.12 15.43
#